data_3ANW
#
_entry.id   3ANW
#
_cell.length_a   76.343
_cell.length_b   76.343
_cell.length_c   181.333
_cell.angle_alpha   90.00
_cell.angle_beta   90.00
_cell.angle_gamma   90.00
#
_symmetry.space_group_name_H-M   'P 41 21 2'
#
loop_
_entity.id
_entity.type
_entity.pdbx_description
1 polymer 'Putative uncharacterized protein'
2 polymer 'Putative uncharacterized protein'
3 water water
#
loop_
_entity_poly.entity_id
_entity_poly.type
_entity_poly.pdbx_seq_one_letter_code
_entity_poly.pdbx_strand_id
1 'polypeptide(L)'
;MDIVKLRELLEAELSSTDLNELDEDFYVEFDSLIKALKLSAESSRERGEDVEERLYLAQLKIAESLMKEIIKLRLHKIVD
LAVEGKIAEMTAEEKRLFNVIRAFIEREELPEISEEVQPQEESEAEAEYRSKEVPKEAYIIQIDLPAVLGPDMKEYGPFM
AGDMAIIPTVIGRALVEREAARRVRIFL
;
A
2 'polypeptide(L)'
;NYFQGSHMFTGKALIAVKVMKPFGDWKSGDIVLVEDWKARELWEAGVVEIVDETDKIIGEIDKVIAEERESEPLTLLPEG
LYERAEFYAYYLENYVRLNPRESVDTINVKLTKLANLRKKLRDLKLIRFNKILKAVMLRPNSLELLSRLAPEERRIYLQM
SKIRNEWLGDA
;
B
#
# COMPACT_ATOMS: atom_id res chain seq x y z
N MET A 1 9.74 -2.96 -15.05
CA MET A 1 8.53 -2.82 -14.17
C MET A 1 7.51 -3.93 -14.36
N ASP A 2 6.98 -4.41 -13.24
CA ASP A 2 5.95 -5.44 -13.25
C ASP A 2 5.07 -5.38 -11.99
N ILE A 3 4.11 -6.29 -11.89
CA ILE A 3 3.21 -6.29 -10.76
C ILE A 3 3.87 -6.62 -9.42
N VAL A 4 4.98 -7.37 -9.48
CA VAL A 4 5.73 -7.77 -8.29
C VAL A 4 6.37 -6.54 -7.65
N LYS A 5 6.92 -5.67 -8.49
CA LYS A 5 7.54 -4.45 -8.03
C LYS A 5 6.50 -3.50 -7.45
N LEU A 6 5.35 -3.38 -8.12
CA LEU A 6 4.27 -2.52 -7.65
C LEU A 6 3.70 -3.05 -6.32
N ARG A 7 3.78 -4.36 -6.11
CA ARG A 7 3.30 -4.97 -4.90
C ARG A 7 4.24 -4.60 -3.75
N GLU A 8 5.54 -4.51 -4.05
CA GLU A 8 6.57 -4.15 -3.08
C GLU A 8 6.52 -2.70 -2.68
N LEU A 9 6.32 -1.84 -3.68
CA LEU A 9 6.22 -0.40 -3.43
C LEU A 9 4.95 -0.02 -2.67
N LEU A 10 3.89 -0.83 -2.79
CA LEU A 10 2.64 -0.57 -2.09
C LEU A 10 2.80 -0.95 -0.64
N GLU A 11 3.54 -2.03 -0.41
CA GLU A 11 3.81 -2.50 0.93
C GLU A 11 4.68 -1.45 1.63
N ALA A 12 5.59 -0.82 0.89
CA ALA A 12 6.50 0.19 1.40
C ALA A 12 5.86 1.56 1.58
N GLU A 13 4.76 1.80 0.86
CA GLU A 13 4.08 3.07 0.99
C GLU A 13 3.21 3.00 2.24
N LEU A 14 2.67 1.82 2.49
CA LEU A 14 1.82 1.53 3.63
C LEU A 14 2.57 1.47 4.94
N SER A 15 3.81 1.00 4.89
CA SER A 15 4.65 0.83 6.07
C SER A 15 5.37 2.03 6.67
N SER A 16 5.14 3.21 6.12
CA SER A 16 5.77 4.44 6.63
C SER A 16 4.82 5.58 6.37
N THR A 17 4.95 6.67 7.12
CA THR A 17 4.09 7.83 6.87
C THR A 17 4.83 8.79 5.94
N ASP A 18 6.08 8.44 5.63
CA ASP A 18 6.90 9.24 4.76
C ASP A 18 6.79 8.81 3.33
N LEU A 19 6.95 9.77 2.41
CA LEU A 19 6.91 9.46 1.00
C LEU A 19 8.08 8.53 0.69
N ASN A 20 7.75 7.32 0.27
CA ASN A 20 8.74 6.33 -0.11
C ASN A 20 9.54 6.96 -1.28
N GLU A 21 10.87 6.85 -1.26
CA GLU A 21 11.66 7.40 -2.35
C GLU A 21 11.64 6.38 -3.47
N LEU A 22 11.17 6.81 -4.64
CA LEU A 22 11.05 5.96 -5.80
C LEU A 22 12.03 6.33 -6.90
N ASP A 23 12.22 5.41 -7.84
CA ASP A 23 13.08 5.62 -9.00
C ASP A 23 12.37 6.72 -9.77
N GLU A 24 13.13 7.73 -10.19
CA GLU A 24 12.63 8.87 -10.93
C GLU A 24 11.66 8.55 -12.07
N ASP A 25 11.90 7.42 -12.75
CA ASP A 25 11.10 6.96 -13.88
C ASP A 25 9.91 6.05 -13.52
N PHE A 26 9.55 5.97 -12.24
CA PHE A 26 8.44 5.13 -11.78
C PHE A 26 7.19 5.23 -12.65
N TYR A 27 6.74 6.46 -12.89
CA TYR A 27 5.54 6.67 -13.71
C TYR A 27 5.72 6.34 -15.18
N VAL A 28 6.89 6.66 -15.72
CA VAL A 28 7.20 6.38 -17.12
C VAL A 28 7.23 4.86 -17.32
N GLU A 29 7.85 4.16 -16.37
CA GLU A 29 7.93 2.73 -16.45
C GLU A 29 6.60 2.06 -16.21
N PHE A 30 5.71 2.70 -15.47
CA PHE A 30 4.38 2.13 -15.23
C PHE A 30 3.65 2.12 -16.57
N ASP A 31 3.64 3.28 -17.22
CA ASP A 31 3.01 3.46 -18.52
C ASP A 31 3.52 2.44 -19.53
N SER A 32 4.82 2.18 -19.51
CA SER A 32 5.37 1.20 -20.43
C SER A 32 4.75 -0.16 -20.16
N LEU A 33 4.82 -0.62 -18.92
CA LEU A 33 4.25 -1.92 -18.53
C LEU A 33 2.83 -2.07 -19.05
N ILE A 34 2.08 -0.99 -18.99
CA ILE A 34 0.69 -0.97 -19.41
C ILE A 34 0.55 -0.91 -20.92
N LYS A 35 1.46 -0.22 -21.61
CA LYS A 35 1.39 -0.18 -23.08
C LYS A 35 1.82 -1.58 -23.54
N ALA A 36 2.81 -2.15 -22.85
CA ALA A 36 3.33 -3.48 -23.15
C ALA A 36 2.34 -4.58 -22.82
N LEU A 37 1.52 -4.38 -21.81
CA LEU A 37 0.50 -5.38 -21.42
C LEU A 37 -0.70 -5.23 -22.33
N LYS A 38 -0.87 -4.03 -22.89
CA LYS A 38 -1.97 -3.71 -23.78
C LYS A 38 -1.78 -4.30 -25.18
N LEU A 39 -0.54 -4.28 -25.67
CA LEU A 39 -0.21 -4.84 -26.98
C LEU A 39 -0.23 -6.37 -26.87
N SER A 40 0.45 -6.89 -25.84
CA SER A 40 0.51 -8.31 -25.59
C SER A 40 -0.87 -8.96 -25.48
N ALA A 41 -1.87 -8.19 -25.04
CA ALA A 41 -3.24 -8.69 -24.89
C ALA A 41 -4.04 -8.80 -26.20
N GLU A 42 -3.86 -7.81 -27.08
CA GLU A 42 -4.54 -7.79 -28.39
C GLU A 42 -3.88 -8.93 -29.16
N SER A 43 -2.54 -8.88 -29.17
CA SER A 43 -1.67 -9.87 -29.81
C SER A 43 -1.91 -11.32 -29.35
N SER A 44 -3.02 -11.57 -28.66
CA SER A 44 -3.39 -12.92 -28.17
C SER A 44 -4.88 -13.20 -28.37
N ARG A 45 -5.70 -12.16 -28.25
CA ARG A 45 -7.16 -12.27 -28.41
C ARG A 45 -7.42 -12.71 -29.85
N GLU A 46 -6.91 -11.91 -30.79
CA GLU A 46 -7.02 -12.17 -32.21
C GLU A 46 -6.41 -13.55 -32.50
N ARG A 47 -5.24 -13.79 -31.88
CA ARG A 47 -4.51 -15.04 -32.03
C ARG A 47 -5.21 -16.19 -31.27
N GLY A 48 -6.48 -15.99 -30.94
CA GLY A 48 -7.29 -17.00 -30.27
C GLY A 48 -6.89 -17.72 -28.99
N GLU A 49 -6.00 -17.14 -28.17
CA GLU A 49 -5.65 -17.79 -26.89
C GLU A 49 -6.47 -17.16 -25.80
N ASP A 50 -7.60 -17.79 -25.47
CA ASP A 50 -8.46 -17.26 -24.42
C ASP A 50 -7.70 -17.26 -23.11
N VAL A 51 -6.77 -18.21 -22.96
CA VAL A 51 -5.98 -18.34 -21.74
C VAL A 51 -4.85 -17.33 -21.66
N GLU A 52 -3.98 -17.31 -22.66
CA GLU A 52 -2.87 -16.36 -22.68
C GLU A 52 -3.37 -14.92 -22.58
N GLU A 53 -4.56 -14.68 -23.12
CA GLU A 53 -5.17 -13.36 -23.10
C GLU A 53 -5.71 -13.03 -21.71
N ARG A 54 -6.49 -13.95 -21.16
CA ARG A 54 -7.10 -13.80 -19.85
C ARG A 54 -6.04 -13.42 -18.81
N LEU A 55 -4.83 -13.95 -18.99
CA LEU A 55 -3.72 -13.68 -18.09
C LEU A 55 -3.14 -12.28 -18.31
N TYR A 56 -2.98 -11.88 -19.57
CA TYR A 56 -2.46 -10.55 -19.88
C TYR A 56 -3.40 -9.46 -19.40
N LEU A 57 -4.69 -9.77 -19.43
CA LEU A 57 -5.70 -8.82 -18.96
C LEU A 57 -5.75 -8.77 -17.45
N ALA A 58 -5.71 -9.91 -16.80
CA ALA A 58 -5.75 -9.97 -15.34
C ALA A 58 -4.56 -9.27 -14.71
N GLN A 59 -3.42 -9.28 -15.39
CA GLN A 59 -2.22 -8.64 -14.90
C GLN A 59 -2.37 -7.14 -14.99
N LEU A 60 -3.02 -6.70 -16.06
CA LEU A 60 -3.27 -5.30 -16.34
C LEU A 60 -4.23 -4.71 -15.32
N LYS A 61 -5.24 -5.48 -14.90
CA LYS A 61 -6.16 -4.96 -13.91
C LYS A 61 -5.44 -4.85 -12.57
N ILE A 62 -4.57 -5.81 -12.28
CA ILE A 62 -3.81 -5.81 -11.05
C ILE A 62 -2.84 -4.61 -11.02
N ALA A 63 -2.35 -4.22 -12.20
CA ALA A 63 -1.42 -3.12 -12.32
C ALA A 63 -2.15 -1.82 -12.02
N GLU A 64 -3.31 -1.65 -12.64
CA GLU A 64 -4.12 -0.46 -12.44
C GLU A 64 -4.60 -0.37 -11.00
N SER A 65 -4.85 -1.50 -10.39
CA SER A 65 -5.28 -1.55 -9.01
C SER A 65 -4.13 -1.19 -8.07
N LEU A 66 -2.96 -1.79 -8.26
CA LEU A 66 -1.82 -1.51 -7.41
C LEU A 66 -1.48 -0.04 -7.52
N MET A 67 -1.46 0.47 -8.74
CA MET A 67 -1.13 1.87 -8.97
C MET A 67 -2.11 2.81 -8.25
N LYS A 68 -3.40 2.50 -8.33
CA LYS A 68 -4.44 3.29 -7.71
C LYS A 68 -4.19 3.42 -6.20
N GLU A 69 -3.89 2.31 -5.55
CA GLU A 69 -3.62 2.33 -4.14
C GLU A 69 -2.36 3.08 -3.79
N ILE A 70 -1.34 2.97 -4.64
CA ILE A 70 -0.07 3.66 -4.40
C ILE A 70 -0.19 5.17 -4.54
N ILE A 71 -0.88 5.64 -5.58
CA ILE A 71 -1.04 7.06 -5.84
C ILE A 71 -1.93 7.71 -4.80
N LYS A 72 -2.87 6.95 -4.23
CA LYS A 72 -3.74 7.49 -3.20
C LYS A 72 -2.94 7.74 -1.94
N LEU A 73 -2.08 6.81 -1.55
CA LEU A 73 -1.27 6.99 -0.36
C LEU A 73 -0.31 8.16 -0.55
N ARG A 74 0.28 8.24 -1.72
CA ARG A 74 1.23 9.29 -2.05
C ARG A 74 0.67 10.71 -2.14
N LEU A 75 -0.51 10.85 -2.74
CA LEU A 75 -1.16 12.16 -2.87
C LEU A 75 -1.48 12.77 -1.51
N HIS A 76 -1.92 11.94 -0.57
CA HIS A 76 -2.24 12.38 0.77
C HIS A 76 -0.97 12.77 1.52
N LYS A 77 0.13 12.08 1.25
CA LYS A 77 1.38 12.40 1.89
C LYS A 77 1.88 13.70 1.26
N ILE A 78 1.71 13.84 -0.05
CA ILE A 78 2.13 15.05 -0.74
C ILE A 78 1.35 16.25 -0.24
N VAL A 79 0.03 16.11 -0.12
CA VAL A 79 -0.83 17.17 0.39
C VAL A 79 -0.30 17.62 1.75
N ASP A 80 -0.01 16.68 2.62
CA ASP A 80 0.49 17.03 3.92
C ASP A 80 1.83 17.77 3.89
N LEU A 81 2.69 17.40 2.95
CA LEU A 81 3.99 18.04 2.79
C LEU A 81 3.81 19.48 2.30
N ALA A 82 2.92 19.66 1.34
CA ALA A 82 2.64 20.98 0.80
C ALA A 82 2.01 21.89 1.84
N VAL A 83 1.14 21.34 2.69
CA VAL A 83 0.47 22.11 3.72
C VAL A 83 1.38 22.44 4.91
N GLU A 84 2.18 21.47 5.33
CA GLU A 84 3.10 21.66 6.45
C GLU A 84 4.41 22.36 6.03
N GLY A 85 4.53 22.66 4.74
CA GLY A 85 5.72 23.33 4.21
C GLY A 85 7.00 22.51 4.19
N LYS A 86 6.88 21.19 4.21
CA LYS A 86 8.02 20.30 4.20
C LYS A 86 8.47 19.87 2.81
N ILE A 87 9.64 19.26 2.73
CA ILE A 87 10.23 18.82 1.48
C ILE A 87 10.61 17.36 1.56
N ALA A 88 10.59 16.69 0.41
CA ALA A 88 10.96 15.29 0.30
C ALA A 88 11.20 15.01 -1.17
N GLU A 89 12.04 14.02 -1.44
CA GLU A 89 12.33 13.63 -2.82
C GLU A 89 11.09 12.96 -3.41
N MET A 90 10.74 13.35 -4.63
CA MET A 90 9.57 12.82 -5.31
C MET A 90 9.74 12.99 -6.83
N THR A 91 9.17 12.09 -7.62
CA THR A 91 9.31 12.15 -9.07
C THR A 91 9.04 13.54 -9.67
N ALA A 92 9.41 13.73 -10.93
CA ALA A 92 9.24 15.03 -11.58
C ALA A 92 7.78 15.45 -11.69
N GLU A 93 6.92 14.49 -12.00
CA GLU A 93 5.48 14.71 -12.15
C GLU A 93 4.89 15.17 -10.83
N GLU A 94 5.40 14.61 -9.73
CA GLU A 94 4.96 14.93 -8.39
C GLU A 94 5.36 16.34 -7.93
N LYS A 95 6.51 16.84 -8.40
CA LYS A 95 6.95 18.20 -8.06
C LYS A 95 6.03 19.18 -8.79
N ARG A 96 5.62 18.83 -10.01
CA ARG A 96 4.74 19.69 -10.79
C ARG A 96 3.45 19.84 -10.00
N LEU A 97 2.90 18.71 -9.56
CA LEU A 97 1.65 18.67 -8.78
C LEU A 97 1.84 19.33 -7.43
N PHE A 98 2.95 19.03 -6.78
CA PHE A 98 3.28 19.62 -5.50
C PHE A 98 3.29 21.14 -5.63
N ASN A 99 3.78 21.62 -6.76
CA ASN A 99 3.84 23.05 -7.02
C ASN A 99 2.46 23.63 -7.20
N VAL A 100 1.52 22.85 -7.72
CA VAL A 100 0.16 23.33 -7.88
C VAL A 100 -0.55 23.34 -6.51
N ILE A 101 -0.31 22.34 -5.68
CA ILE A 101 -0.92 22.31 -4.35
C ILE A 101 -0.37 23.54 -3.60
N ARG A 102 0.96 23.68 -3.63
CA ARG A 102 1.66 24.80 -3.00
C ARG A 102 1.16 26.15 -3.50
N ALA A 103 0.90 26.25 -4.80
CA ALA A 103 0.39 27.49 -5.38
C ALA A 103 -0.96 27.79 -4.71
N PHE A 104 -1.87 26.80 -4.77
CA PHE A 104 -3.20 26.91 -4.19
C PHE A 104 -3.22 27.40 -2.74
N ILE A 105 -2.30 26.90 -1.93
CA ILE A 105 -2.24 27.28 -0.51
C ILE A 105 -1.84 28.74 -0.29
N GLU A 106 -0.93 29.27 -1.08
CA GLU A 106 -0.53 30.66 -0.91
C GLU A 106 -1.32 31.55 -1.87
N ARG A 107 -2.51 31.07 -2.22
CA ARG A 107 -3.45 31.79 -3.08
C ARG A 107 -2.85 32.35 -4.38
N GLU A 108 -2.14 31.51 -5.14
CA GLU A 108 -1.53 31.94 -6.39
C GLU A 108 -2.55 31.73 -7.53
N GLU A 109 -2.10 31.22 -8.68
CA GLU A 109 -2.99 30.99 -9.82
C GLU A 109 -2.83 29.60 -10.43
N LEU A 110 -3.77 28.71 -10.13
CA LEU A 110 -3.77 27.33 -10.63
C LEU A 110 -4.35 27.30 -12.04
N PRO A 111 -3.51 26.94 -13.03
CA PRO A 111 -3.93 26.88 -14.44
C PRO A 111 -4.93 25.79 -14.82
N GLU A 112 -5.58 26.01 -15.97
CA GLU A 112 -6.53 25.04 -16.52
C GLU A 112 -5.69 23.96 -17.23
N ILE A 113 -6.31 22.84 -17.57
CA ILE A 113 -5.58 21.76 -18.25
C ILE A 113 -6.44 21.08 -19.31
N TYR A 129 11.02 49.22 3.19
CA TYR A 129 11.55 48.21 2.28
C TYR A 129 11.02 48.38 0.84
N ARG A 130 11.64 47.66 -0.10
CA ARG A 130 11.25 47.69 -1.52
C ARG A 130 10.00 46.82 -1.83
N SER A 131 9.70 45.88 -0.93
CA SER A 131 8.54 44.96 -1.06
C SER A 131 8.34 44.18 0.25
N LYS A 132 7.09 43.82 0.55
CA LYS A 132 6.77 43.04 1.76
C LYS A 132 7.26 41.58 1.61
N GLU A 133 6.83 40.93 0.52
CA GLU A 133 7.16 39.53 0.18
C GLU A 133 8.19 38.87 1.10
N VAL A 134 7.72 38.02 2.02
CA VAL A 134 8.60 37.34 2.96
C VAL A 134 9.47 36.29 2.24
N PRO A 135 10.81 36.49 2.28
CA PRO A 135 11.79 35.60 1.66
C PRO A 135 12.01 34.32 2.46
N LYS A 136 11.84 33.17 1.80
CA LYS A 136 12.00 31.88 2.46
C LYS A 136 13.00 30.94 1.79
N GLU A 137 13.72 30.15 2.59
CA GLU A 137 14.68 29.17 2.06
C GLU A 137 14.46 27.80 2.68
N ALA A 138 15.13 26.79 2.13
CA ALA A 138 15.02 25.43 2.62
C ALA A 138 16.07 25.12 3.71
N TYR A 139 15.66 24.37 4.74
CA TYR A 139 16.55 24.01 5.86
C TYR A 139 16.33 22.59 6.37
N ILE A 140 17.31 22.08 7.10
CA ILE A 140 17.22 20.78 7.72
C ILE A 140 17.04 21.14 9.17
N ILE A 141 15.92 20.72 9.77
CA ILE A 141 15.65 21.01 11.15
C ILE A 141 16.42 19.99 11.98
N GLN A 142 17.26 20.48 12.87
CA GLN A 142 18.10 19.60 13.68
C GLN A 142 17.50 19.07 14.98
N ILE A 143 16.53 19.77 15.54
CA ILE A 143 15.86 19.30 16.74
C ILE A 143 14.36 19.46 16.58
N ASP A 144 13.58 18.90 17.49
CA ASP A 144 12.15 19.04 17.41
C ASP A 144 11.81 20.48 17.77
N LEU A 145 10.97 21.10 16.94
CA LEU A 145 10.62 22.50 17.14
C LEU A 145 9.10 22.75 17.05
N PRO A 146 8.56 23.62 17.93
CA PRO A 146 7.12 23.94 17.90
C PRO A 146 6.86 24.99 16.82
N ALA A 147 5.60 25.12 16.41
CA ALA A 147 5.25 26.11 15.39
C ALA A 147 5.83 27.50 15.71
N VAL A 148 6.49 28.10 14.73
CA VAL A 148 7.10 29.42 14.87
C VAL A 148 6.28 30.45 14.07
N LEU A 149 6.21 31.67 14.56
CA LEU A 149 5.44 32.70 13.88
C LEU A 149 6.30 33.59 12.99
N GLY A 150 6.03 33.53 11.68
CA GLY A 150 6.77 34.35 10.75
C GLY A 150 6.26 35.78 10.77
N PRO A 151 6.92 36.71 10.07
CA PRO A 151 6.52 38.13 10.00
C PRO A 151 5.18 38.32 9.30
N ASP A 152 4.76 37.29 8.58
CA ASP A 152 3.48 37.28 7.86
C ASP A 152 2.36 36.78 8.75
N MET A 153 2.68 36.52 10.01
CA MET A 153 1.74 36.03 11.01
C MET A 153 1.31 34.58 10.74
N LYS A 154 1.89 33.98 9.70
CA LYS A 154 1.62 32.58 9.35
C LYS A 154 2.58 31.81 10.23
N GLU A 155 2.13 30.70 10.79
CA GLU A 155 3.03 29.94 11.64
C GLU A 155 3.61 28.75 10.89
N TYR A 156 4.86 28.43 11.20
CA TYR A 156 5.58 27.34 10.54
C TYR A 156 5.93 26.23 11.51
N GLY A 157 5.50 25.02 11.19
CA GLY A 157 5.77 23.89 12.06
C GLY A 157 4.49 23.30 12.62
N PRO A 158 4.57 22.44 13.64
CA PRO A 158 5.80 22.00 14.30
C PRO A 158 6.64 21.13 13.37
N PHE A 159 7.91 21.01 13.71
CA PHE A 159 8.82 20.21 12.91
C PHE A 159 9.47 19.11 13.74
N MET A 160 9.92 18.07 13.06
CA MET A 160 10.57 16.93 13.70
C MET A 160 12.02 16.92 13.19
N ALA A 161 12.97 16.65 14.08
CA ALA A 161 14.38 16.62 13.71
C ALA A 161 14.57 15.69 12.52
N GLY A 162 15.09 16.23 11.43
CA GLY A 162 15.28 15.43 10.23
C GLY A 162 14.41 15.92 9.10
N ASP A 163 13.45 16.78 9.42
CA ASP A 163 12.55 17.33 8.42
C ASP A 163 13.25 18.38 7.57
N MET A 164 12.84 18.50 6.33
CA MET A 164 13.39 19.50 5.44
C MET A 164 12.21 20.45 5.28
N ALA A 165 12.41 21.71 5.60
CA ALA A 165 11.32 22.64 5.52
C ALA A 165 11.66 23.94 4.85
N ILE A 166 10.65 24.57 4.29
CA ILE A 166 10.79 25.85 3.64
C ILE A 166 10.18 26.84 4.58
N ILE A 167 11.02 27.65 5.20
CA ILE A 167 10.57 28.63 6.17
C ILE A 167 11.21 29.96 5.82
N PRO A 168 10.68 31.07 6.36
CA PRO A 168 11.26 32.38 6.06
C PRO A 168 12.67 32.47 6.59
N THR A 169 13.57 32.99 5.77
CA THR A 169 14.99 33.13 6.12
C THR A 169 15.20 33.84 7.45
N VAL A 170 14.30 34.74 7.81
CA VAL A 170 14.41 35.48 9.06
C VAL A 170 14.44 34.54 10.25
N ILE A 171 13.68 33.45 10.14
CA ILE A 171 13.57 32.46 11.19
C ILE A 171 14.64 31.37 11.05
N GLY A 172 14.88 30.95 9.81
CA GLY A 172 15.87 29.93 9.56
C GLY A 172 17.22 30.40 10.02
N ARG A 173 17.50 31.68 9.76
CA ARG A 173 18.74 32.31 10.14
C ARG A 173 18.89 32.22 11.67
N ALA A 174 17.85 32.61 12.40
CA ALA A 174 17.84 32.55 13.85
C ALA A 174 18.11 31.13 14.33
N LEU A 175 17.51 30.15 13.67
CA LEU A 175 17.71 28.75 14.04
C LEU A 175 19.15 28.30 13.77
N VAL A 176 19.75 28.80 12.69
CA VAL A 176 21.12 28.45 12.32
C VAL A 176 22.12 28.87 13.43
N GLU A 177 22.11 30.15 13.78
CA GLU A 177 22.97 30.71 14.82
C GLU A 177 22.68 30.06 16.17
N ARG A 178 21.58 29.30 16.23
CA ARG A 178 21.12 28.63 17.44
C ARG A 178 21.35 27.10 17.40
N GLU A 179 21.98 26.64 16.31
CA GLU A 179 22.29 25.22 16.10
C GLU A 179 21.08 24.27 16.00
N ALA A 180 19.95 24.80 15.53
CA ALA A 180 18.72 24.03 15.38
C ALA A 180 18.32 23.76 13.92
N ALA A 181 19.00 24.42 12.97
CA ALA A 181 18.71 24.23 11.56
C ALA A 181 19.94 24.53 10.71
N ARG A 182 19.92 24.07 9.47
CA ARG A 182 21.04 24.31 8.56
C ARG A 182 20.49 24.42 7.16
N ARG A 183 20.95 25.40 6.41
CA ARG A 183 20.51 25.59 5.03
C ARG A 183 20.77 24.37 4.15
N VAL A 184 19.89 24.17 3.17
CA VAL A 184 20.04 23.09 2.21
C VAL A 184 19.83 23.53 0.78
N ARG A 185 19.94 22.56 -0.12
CA ARG A 185 19.79 22.79 -1.55
C ARG A 185 18.57 22.01 -2.09
N ILE A 186 17.44 22.71 -2.18
CA ILE A 186 16.20 22.12 -2.69
C ILE A 186 16.17 22.26 -4.22
N ASN B 1 -23.93 -8.49 -18.06
CA ASN B 1 -23.61 -7.08 -18.37
C ASN B 1 -22.40 -6.56 -17.57
N TYR B 2 -22.66 -6.02 -16.38
CA TYR B 2 -21.62 -5.46 -15.51
C TYR B 2 -20.86 -6.49 -14.63
N PHE B 3 -19.54 -6.57 -14.79
CA PHE B 3 -18.74 -7.50 -13.98
C PHE B 3 -18.25 -6.89 -12.65
N GLN B 4 -18.91 -7.27 -11.56
CA GLN B 4 -18.59 -6.79 -10.21
C GLN B 4 -17.30 -7.43 -9.68
N GLY B 5 -16.15 -6.80 -9.95
CA GLY B 5 -14.83 -7.30 -9.56
C GLY B 5 -14.62 -8.13 -8.29
N SER B 6 -15.16 -7.68 -7.16
CA SER B 6 -15.00 -8.36 -5.86
C SER B 6 -13.56 -8.21 -5.34
N HIS B 7 -13.17 -9.03 -4.36
CA HIS B 7 -11.81 -8.97 -3.80
C HIS B 7 -10.77 -9.20 -4.89
N MET B 8 -9.68 -8.43 -4.85
CA MET B 8 -8.67 -8.59 -5.87
C MET B 8 -7.35 -9.18 -5.42
N PHE B 9 -6.94 -10.26 -6.10
CA PHE B 9 -5.69 -10.93 -5.79
C PHE B 9 -4.57 -10.31 -6.60
N THR B 10 -3.51 -9.91 -5.91
CA THR B 10 -2.38 -9.28 -6.58
C THR B 10 -1.14 -10.14 -6.62
N GLY B 11 -1.22 -11.34 -6.09
CA GLY B 11 -0.07 -12.22 -6.10
C GLY B 11 0.69 -12.29 -4.80
N LYS B 12 0.07 -11.87 -3.71
CA LYS B 12 0.72 -11.90 -2.42
C LYS B 12 0.78 -13.29 -1.82
N ALA B 13 -0.05 -14.19 -2.32
CA ALA B 13 -0.08 -15.56 -1.83
C ALA B 13 0.20 -16.57 -2.94
N LEU B 14 0.81 -17.69 -2.56
CA LEU B 14 1.12 -18.77 -3.49
C LEU B 14 0.13 -19.88 -3.23
N ILE B 15 -0.52 -20.32 -4.30
CA ILE B 15 -1.53 -21.36 -4.26
C ILE B 15 -1.08 -22.62 -5.01
N ALA B 16 -1.22 -23.77 -4.35
CA ALA B 16 -0.87 -25.06 -4.94
C ALA B 16 -1.97 -25.45 -5.93
N VAL B 17 -1.59 -25.66 -7.18
CA VAL B 17 -2.55 -26.02 -8.23
C VAL B 17 -2.12 -27.28 -8.99
N LYS B 18 -3.08 -28.13 -9.34
CA LYS B 18 -2.80 -29.34 -10.08
C LYS B 18 -3.06 -29.12 -11.57
N VAL B 19 -2.04 -29.30 -12.38
CA VAL B 19 -2.19 -29.10 -13.81
C VAL B 19 -3.04 -30.18 -14.50
N MET B 20 -4.05 -29.72 -15.25
CA MET B 20 -4.96 -30.59 -15.99
C MET B 20 -4.51 -30.74 -17.45
N LYS B 21 -3.96 -29.68 -18.04
CA LYS B 21 -3.51 -29.72 -19.42
C LYS B 21 -2.10 -29.11 -19.62
N PRO B 22 -1.40 -29.51 -20.71
CA PRO B 22 -0.05 -29.13 -21.18
C PRO B 22 0.43 -27.69 -21.20
N PHE B 23 -0.23 -26.81 -20.46
CA PHE B 23 0.14 -25.40 -20.39
C PHE B 23 1.63 -25.16 -20.05
N GLY B 24 2.30 -24.40 -20.92
CA GLY B 24 3.72 -24.08 -20.74
C GLY B 24 4.59 -25.31 -20.68
N ASP B 25 5.45 -25.38 -19.68
CA ASP B 25 6.34 -26.53 -19.50
C ASP B 25 5.71 -27.54 -18.57
N TRP B 26 4.58 -27.18 -17.97
CA TRP B 26 3.92 -28.07 -17.04
C TRP B 26 3.24 -29.22 -17.78
N LYS B 27 3.46 -30.43 -17.28
CA LYS B 27 2.85 -31.62 -17.85
C LYS B 27 1.52 -31.70 -17.14
N SER B 28 0.77 -32.77 -17.38
CA SER B 28 -0.53 -32.95 -16.73
C SER B 28 -0.43 -33.77 -15.46
N GLY B 29 -1.31 -33.49 -14.52
CA GLY B 29 -1.31 -34.21 -13.26
C GLY B 29 -0.33 -33.68 -12.21
N ASP B 30 0.72 -32.97 -12.64
CA ASP B 30 1.67 -32.43 -11.69
C ASP B 30 1.21 -31.18 -10.90
N ILE B 31 1.67 -31.07 -9.66
CA ILE B 31 1.34 -29.99 -8.76
C ILE B 31 2.39 -28.87 -8.76
N VAL B 32 1.91 -27.64 -8.91
CA VAL B 32 2.74 -26.44 -8.98
C VAL B 32 2.20 -25.35 -8.04
N LEU B 33 3.06 -24.40 -7.67
CA LEU B 33 2.64 -23.28 -6.83
C LEU B 33 2.64 -22.01 -7.69
N VAL B 34 1.49 -21.33 -7.73
CA VAL B 34 1.32 -20.10 -8.52
C VAL B 34 0.81 -18.98 -7.63
N GLU B 35 0.86 -17.75 -8.14
CA GLU B 35 0.36 -16.61 -7.39
C GLU B 35 -1.15 -16.66 -7.41
N ASP B 36 -1.78 -16.43 -6.26
CA ASP B 36 -3.24 -16.45 -6.10
C ASP B 36 -4.08 -15.99 -7.29
N TRP B 37 -3.67 -14.88 -7.91
CA TRP B 37 -4.38 -14.32 -9.05
C TRP B 37 -4.26 -15.22 -10.28
N LYS B 38 -3.10 -15.85 -10.43
CA LYS B 38 -2.83 -16.73 -11.57
C LYS B 38 -3.52 -18.06 -11.30
N ALA B 39 -3.80 -18.32 -10.04
CA ALA B 39 -4.48 -19.54 -9.63
C ALA B 39 -5.95 -19.43 -9.99
N ARG B 40 -6.56 -18.28 -9.73
CA ARG B 40 -7.97 -18.12 -10.05
C ARG B 40 -8.21 -18.03 -11.56
N GLU B 41 -7.28 -17.41 -12.29
CA GLU B 41 -7.43 -17.28 -13.74
C GLU B 41 -7.30 -18.62 -14.47
N LEU B 42 -6.25 -19.39 -14.18
CA LEU B 42 -6.07 -20.69 -14.81
C LEU B 42 -7.13 -21.69 -14.36
N TRP B 43 -7.66 -21.51 -13.14
CA TRP B 43 -8.70 -22.41 -12.64
C TRP B 43 -9.97 -22.20 -13.46
N GLU B 44 -10.36 -20.93 -13.63
CA GLU B 44 -11.54 -20.54 -14.39
C GLU B 44 -11.56 -21.12 -15.81
N ALA B 45 -10.39 -21.36 -16.37
CA ALA B 45 -10.27 -21.91 -17.71
C ALA B 45 -9.76 -23.35 -17.72
N GLY B 46 -10.19 -24.13 -16.73
CA GLY B 46 -9.80 -25.53 -16.63
C GLY B 46 -8.38 -25.98 -16.95
N VAL B 47 -7.39 -25.09 -16.81
CA VAL B 47 -5.98 -25.44 -17.06
C VAL B 47 -5.42 -26.13 -15.81
N VAL B 48 -5.92 -25.72 -14.64
CA VAL B 48 -5.46 -26.30 -13.39
C VAL B 48 -6.65 -26.58 -12.50
N GLU B 49 -6.38 -27.16 -11.34
CA GLU B 49 -7.41 -27.49 -10.38
C GLU B 49 -6.85 -27.12 -8.99
N ILE B 50 -7.70 -26.60 -8.11
CA ILE B 50 -7.26 -26.17 -6.79
C ILE B 50 -7.05 -27.25 -5.74
N VAL B 51 -5.82 -27.37 -5.28
CA VAL B 51 -5.48 -28.33 -4.24
C VAL B 51 -6.16 -27.75 -3.00
N ASP B 52 -7.17 -28.46 -2.50
CA ASP B 52 -7.94 -28.00 -1.34
C ASP B 52 -7.15 -27.93 -0.04
N GLU B 53 -6.50 -26.78 0.18
CA GLU B 53 -5.75 -26.58 1.39
C GLU B 53 -6.58 -25.86 2.46
N THR B 54 -7.91 -25.87 2.30
CA THR B 54 -8.81 -25.24 3.29
C THR B 54 -8.62 -25.91 4.64
N ASP B 55 -8.45 -27.24 4.59
CA ASP B 55 -8.21 -28.01 5.80
C ASP B 55 -7.04 -27.37 6.59
N LYS B 56 -5.87 -27.30 5.96
CA LYS B 56 -4.67 -26.73 6.59
C LYS B 56 -4.82 -25.24 6.95
N ILE B 57 -5.53 -24.47 6.11
CA ILE B 57 -5.73 -23.03 6.36
C ILE B 57 -6.63 -22.72 7.55
N ILE B 58 -7.81 -23.33 7.62
CA ILE B 58 -8.72 -23.11 8.75
C ILE B 58 -7.99 -23.33 10.08
N GLY B 59 -7.39 -24.51 10.21
CA GLY B 59 -6.65 -24.87 11.42
C GLY B 59 -5.46 -23.97 11.67
N GLU B 60 -4.95 -23.34 10.61
CA GLU B 60 -3.82 -22.42 10.74
C GLU B 60 -4.24 -21.16 11.46
N ILE B 61 -5.41 -20.65 11.08
CA ILE B 61 -5.94 -19.46 11.71
C ILE B 61 -6.22 -19.79 13.18
N ASP B 62 -6.96 -20.87 13.41
CA ASP B 62 -7.28 -21.31 14.78
C ASP B 62 -6.07 -21.27 15.70
N LYS B 63 -4.92 -21.69 15.19
CA LYS B 63 -3.70 -21.69 15.98
C LYS B 63 -3.27 -20.27 16.32
N VAL B 64 -3.34 -19.37 15.34
CA VAL B 64 -2.96 -17.98 15.55
C VAL B 64 -3.95 -17.29 16.49
N ILE B 65 -5.25 -17.56 16.29
CA ILE B 65 -6.27 -16.95 17.12
C ILE B 65 -6.03 -17.36 18.58
N ALA B 66 -5.69 -18.64 18.76
CA ALA B 66 -5.40 -19.22 20.06
C ALA B 66 -4.21 -18.53 20.72
N GLU B 67 -3.18 -18.24 19.92
CA GLU B 67 -1.97 -17.57 20.40
C GLU B 67 -2.20 -16.12 20.85
N GLU B 68 -3.09 -15.42 20.15
CA GLU B 68 -3.44 -14.04 20.46
C GLU B 68 -4.18 -13.94 21.80
N ARG B 69 -5.18 -14.79 22.00
CA ARG B 69 -5.95 -14.80 23.24
C ARG B 69 -5.18 -15.31 24.47
N GLU B 70 -3.88 -15.56 24.30
CA GLU B 70 -3.02 -16.10 25.37
C GLU B 70 -2.00 -15.15 26.01
N SER B 71 -1.27 -14.39 25.19
CA SER B 71 -0.27 -13.45 25.74
C SER B 71 -0.28 -12.07 25.06
N GLU B 72 -0.82 -11.09 25.78
CA GLU B 72 -0.95 -9.68 25.39
C GLU B 72 -0.38 -9.16 24.04
N PRO B 73 0.94 -9.29 23.81
CA PRO B 73 1.50 -8.81 22.53
C PRO B 73 0.85 -9.35 21.25
N LEU B 74 0.98 -8.59 20.17
CA LEU B 74 0.46 -8.99 18.86
C LEU B 74 1.48 -9.96 18.31
N THR B 75 1.02 -11.00 17.61
CA THR B 75 1.95 -11.99 17.08
C THR B 75 2.22 -11.87 15.58
N LEU B 76 3.39 -12.38 15.18
CA LEU B 76 3.78 -12.38 13.77
C LEU B 76 2.87 -13.35 13.01
N LEU B 77 2.19 -12.85 11.99
CA LEU B 77 1.29 -13.68 11.18
C LEU B 77 2.06 -14.47 10.14
N PRO B 78 1.73 -15.76 9.95
CA PRO B 78 2.43 -16.56 8.93
C PRO B 78 2.35 -15.80 7.61
N GLU B 79 3.39 -15.93 6.78
CA GLU B 79 3.41 -15.22 5.52
C GLU B 79 2.18 -15.49 4.67
N GLY B 80 1.44 -14.40 4.41
CA GLY B 80 0.25 -14.46 3.59
C GLY B 80 -1.00 -15.08 4.18
N LEU B 81 -1.04 -15.27 5.49
CA LEU B 81 -2.21 -15.87 6.14
C LEU B 81 -3.51 -15.21 5.69
N TYR B 82 -3.56 -13.88 5.75
CA TYR B 82 -4.74 -13.13 5.34
C TYR B 82 -5.07 -13.39 3.87
N GLU B 83 -4.12 -13.16 2.96
CA GLU B 83 -4.36 -13.38 1.53
C GLU B 83 -4.71 -14.82 1.15
N ARG B 84 -4.10 -15.80 1.81
CA ARG B 84 -4.35 -17.22 1.53
C ARG B 84 -5.72 -17.65 2.05
N ALA B 85 -6.21 -16.98 3.08
CA ALA B 85 -7.53 -17.30 3.61
C ALA B 85 -8.56 -16.77 2.60
N GLU B 86 -8.29 -15.59 2.05
CA GLU B 86 -9.17 -14.98 1.08
C GLU B 86 -9.36 -15.85 -0.14
N PHE B 87 -8.28 -16.45 -0.61
CA PHE B 87 -8.34 -17.32 -1.77
C PHE B 87 -9.19 -18.59 -1.62
N TYR B 88 -9.04 -19.28 -0.50
CA TYR B 88 -9.82 -20.49 -0.27
C TYR B 88 -11.27 -20.16 -0.02
N ALA B 89 -11.52 -18.89 0.33
CA ALA B 89 -12.86 -18.36 0.54
C ALA B 89 -13.48 -18.16 -0.84
N TYR B 90 -12.64 -17.76 -1.78
CA TYR B 90 -13.06 -17.56 -3.16
C TYR B 90 -13.22 -18.92 -3.82
N TYR B 91 -12.38 -19.86 -3.41
CA TYR B 91 -12.42 -21.23 -3.91
C TYR B 91 -13.71 -21.88 -3.45
N LEU B 92 -13.95 -21.90 -2.14
CA LEU B 92 -15.18 -22.50 -1.60
C LEU B 92 -16.39 -21.86 -2.24
N GLU B 93 -16.36 -20.53 -2.29
CA GLU B 93 -17.42 -19.72 -2.86
C GLU B 93 -17.75 -20.21 -4.26
N ASN B 94 -16.83 -20.00 -5.19
CA ASN B 94 -17.07 -20.41 -6.56
C ASN B 94 -17.00 -21.91 -6.86
N TYR B 95 -16.92 -22.73 -5.82
CA TYR B 95 -16.87 -24.17 -6.00
C TYR B 95 -18.30 -24.69 -6.12
N VAL B 96 -19.23 -24.02 -5.45
CA VAL B 96 -20.63 -24.41 -5.52
C VAL B 96 -21.09 -24.28 -6.99
N ARG B 97 -20.40 -23.40 -7.74
CA ARG B 97 -20.69 -23.18 -9.15
C ARG B 97 -19.61 -23.85 -10.03
N LEU B 98 -19.06 -24.97 -9.55
CA LEU B 98 -18.02 -25.75 -10.27
C LEU B 98 -18.41 -26.04 -11.74
N ASN B 99 -17.41 -26.39 -12.56
CA ASN B 99 -17.63 -26.67 -14.00
C ASN B 99 -17.56 -28.14 -14.47
N PRO B 100 -18.62 -28.63 -15.17
CA PRO B 100 -18.67 -30.02 -15.69
C PRO B 100 -17.86 -30.21 -16.98
N ASN B 108 -21.66 -29.73 -0.44
CA ASN B 108 -22.34 -28.83 0.49
C ASN B 108 -21.57 -28.77 1.81
N VAL B 109 -20.81 -29.82 2.11
CA VAL B 109 -20.01 -29.87 3.33
C VAL B 109 -18.99 -28.72 3.30
N LYS B 110 -18.80 -28.20 2.09
CA LYS B 110 -17.90 -27.09 1.80
C LYS B 110 -18.55 -25.76 2.20
N LEU B 111 -19.72 -25.49 1.63
CA LEU B 111 -20.48 -24.25 1.89
C LEU B 111 -20.71 -23.96 3.38
N THR B 112 -20.27 -24.87 4.24
CA THR B 112 -20.37 -24.71 5.69
C THR B 112 -19.00 -24.22 6.20
N LYS B 113 -17.94 -24.73 5.56
CA LYS B 113 -16.56 -24.36 5.87
C LYS B 113 -16.33 -22.93 5.42
N LEU B 114 -16.90 -22.55 4.27
CA LEU B 114 -16.77 -21.19 3.73
C LEU B 114 -17.13 -20.21 4.83
N ALA B 115 -18.21 -20.53 5.55
CA ALA B 115 -18.72 -19.71 6.63
C ALA B 115 -17.76 -19.68 7.82
N ASN B 116 -17.12 -20.82 8.10
CA ASN B 116 -16.17 -20.90 9.20
C ASN B 116 -14.91 -20.06 8.95
N LEU B 117 -14.32 -20.24 7.77
CA LEU B 117 -13.10 -19.52 7.39
C LEU B 117 -13.40 -18.02 7.49
N ARG B 118 -14.54 -17.61 6.94
CA ARG B 118 -14.96 -16.22 7.00
C ARG B 118 -15.11 -15.75 8.44
N LYS B 119 -15.75 -16.56 9.28
CA LYS B 119 -15.93 -16.18 10.69
C LYS B 119 -14.56 -16.10 11.39
N LYS B 120 -13.69 -17.07 11.09
CA LYS B 120 -12.35 -17.15 11.69
C LYS B 120 -11.43 -16.02 11.27
N LEU B 121 -11.44 -15.67 9.99
CA LEU B 121 -10.61 -14.57 9.43
C LEU B 121 -11.07 -13.24 10.03
N ARG B 122 -12.38 -13.06 10.07
CA ARG B 122 -13.00 -11.86 10.61
C ARG B 122 -12.55 -11.73 12.07
N ASP B 123 -12.68 -12.82 12.83
CA ASP B 123 -12.31 -12.89 14.24
C ASP B 123 -10.86 -12.51 14.47
N LEU B 124 -9.96 -13.03 13.65
CA LEU B 124 -8.54 -12.76 13.79
C LEU B 124 -8.15 -11.30 13.55
N LYS B 125 -8.79 -10.69 12.54
CA LYS B 125 -8.52 -9.29 12.20
C LYS B 125 -9.01 -8.34 13.29
N LEU B 126 -10.08 -8.74 13.98
CA LEU B 126 -10.66 -7.95 15.06
C LEU B 126 -9.85 -7.99 16.32
N ILE B 127 -9.30 -9.15 16.63
CA ILE B 127 -8.51 -9.32 17.85
C ILE B 127 -7.22 -8.53 17.71
N ARG B 128 -6.67 -8.54 16.50
CA ARG B 128 -5.43 -7.83 16.23
C ARG B 128 -5.69 -6.34 16.10
N PHE B 129 -6.86 -5.98 15.59
CA PHE B 129 -7.22 -4.59 15.45
C PHE B 129 -7.38 -4.02 16.87
N ASN B 130 -8.18 -4.69 17.70
CA ASN B 130 -8.40 -4.25 19.07
C ASN B 130 -7.10 -4.12 19.83
N LYS B 131 -6.11 -4.96 19.51
CA LYS B 131 -4.81 -4.89 20.17
C LYS B 131 -3.98 -3.72 19.65
N ILE B 132 -4.26 -3.30 18.41
CA ILE B 132 -3.56 -2.18 17.80
C ILE B 132 -4.06 -0.89 18.45
N LEU B 133 -5.38 -0.79 18.59
CA LEU B 133 -6.02 0.36 19.21
C LEU B 133 -5.37 0.63 20.55
N LYS B 134 -5.36 -0.40 21.38
CA LYS B 134 -4.77 -0.32 22.71
C LYS B 134 -3.25 -0.07 22.69
N ALA B 135 -2.56 -0.50 21.64
CA ALA B 135 -1.09 -0.30 21.53
C ALA B 135 -0.72 1.16 21.27
N VAL B 136 -1.64 1.84 20.57
CA VAL B 136 -1.51 3.24 20.22
C VAL B 136 -1.50 4.03 21.53
N MET B 137 -2.22 3.49 22.52
CA MET B 137 -2.32 4.09 23.84
C MET B 137 -1.16 3.68 24.76
N LEU B 138 0.00 3.42 24.16
CA LEU B 138 1.22 3.03 24.90
C LEU B 138 2.36 2.85 23.89
N ASN B 141 3.86 5.64 18.66
CA ASN B 141 4.60 4.86 17.66
C ASN B 141 5.72 4.04 18.30
N SER B 142 6.14 3.00 17.57
CA SER B 142 7.22 2.08 17.98
C SER B 142 7.57 1.17 16.80
N LEU B 143 8.82 1.24 16.36
CA LEU B 143 9.28 0.44 15.23
C LEU B 143 9.04 -1.06 15.41
N GLU B 144 9.50 -1.59 16.54
CA GLU B 144 9.38 -3.01 16.88
C GLU B 144 8.03 -3.62 16.51
N LEU B 145 6.95 -2.93 16.86
CA LEU B 145 5.60 -3.40 16.58
C LEU B 145 5.26 -3.53 15.09
N LEU B 146 5.81 -2.63 14.27
CA LEU B 146 5.57 -2.66 12.84
C LEU B 146 6.10 -3.94 12.23
N SER B 147 7.25 -4.40 12.73
CA SER B 147 7.85 -5.64 12.24
C SER B 147 7.00 -6.84 12.61
N ARG B 148 5.78 -6.59 13.10
CA ARG B 148 4.89 -7.67 13.51
C ARG B 148 3.52 -7.57 12.90
N LEU B 149 3.27 -6.47 12.20
CA LEU B 149 1.98 -6.24 11.57
C LEU B 149 2.00 -6.43 10.06
N ALA B 150 0.86 -6.84 9.50
CA ALA B 150 0.74 -6.98 8.07
C ALA B 150 0.78 -5.53 7.57
N PRO B 151 1.30 -5.27 6.36
CA PRO B 151 1.39 -3.92 5.78
C PRO B 151 0.14 -3.03 5.87
N GLU B 152 -1.05 -3.62 5.78
CA GLU B 152 -2.29 -2.86 5.87
C GLU B 152 -2.57 -2.44 7.32
N GLU B 153 -2.19 -3.29 8.29
CA GLU B 153 -2.37 -3.01 9.72
C GLU B 153 -1.33 -1.98 10.17
N ARG B 154 -0.20 -1.99 9.48
CA ARG B 154 0.89 -1.06 9.74
C ARG B 154 0.35 0.36 9.47
N ARG B 155 -0.28 0.51 8.31
CA ARG B 155 -0.89 1.76 7.88
C ARG B 155 -1.83 2.30 8.94
N ILE B 156 -2.68 1.40 9.46
CA ILE B 156 -3.68 1.68 10.49
C ILE B 156 -3.04 2.18 11.79
N TYR B 157 -2.01 1.47 12.26
CA TYR B 157 -1.31 1.87 13.48
C TYR B 157 -0.65 3.24 13.32
N LEU B 158 -0.04 3.46 12.16
CA LEU B 158 0.61 4.73 11.87
C LEU B 158 -0.42 5.86 11.84
N GLN B 159 -1.59 5.59 11.28
CA GLN B 159 -2.66 6.58 11.23
C GLN B 159 -3.25 6.83 12.60
N MET B 160 -3.54 5.76 13.34
CA MET B 160 -4.12 5.87 14.68
C MET B 160 -3.25 6.75 15.57
N SER B 161 -1.95 6.50 15.54
CA SER B 161 -1.01 7.22 16.37
C SER B 161 -0.85 8.69 16.01
N LYS B 162 -0.96 9.00 14.72
CA LYS B 162 -0.83 10.39 14.28
C LYS B 162 -2.05 11.19 14.75
N ILE B 163 -3.21 10.54 14.73
CA ILE B 163 -4.47 11.16 15.15
C ILE B 163 -4.45 11.35 16.67
N ARG B 164 -4.01 10.32 17.35
CA ARG B 164 -3.90 10.31 18.79
C ARG B 164 -2.91 11.37 19.29
N ASN B 165 -1.68 11.39 18.76
CA ASN B 165 -0.69 12.38 19.18
C ASN B 165 -1.08 13.84 18.93
N GLU B 166 -1.85 14.10 17.87
CA GLU B 166 -2.28 15.45 17.57
C GLU B 166 -3.44 15.91 18.43
N TRP B 167 -4.10 14.95 19.07
CA TRP B 167 -5.22 15.23 19.93
C TRP B 167 -4.75 15.31 21.36
N LEU B 168 -4.14 14.22 21.83
CA LEU B 168 -3.63 14.16 23.19
C LEU B 168 -2.27 14.82 23.28
N GLY B 169 -1.36 14.41 22.39
CA GLY B 169 -0.02 14.96 22.41
C GLY B 169 0.87 14.17 23.35
N ASP B 170 0.30 13.11 23.96
CA ASP B 170 1.01 12.25 24.91
C ASP B 170 2.18 11.44 24.31
N ALA B 171 2.85 10.70 25.20
CA ALA B 171 4.00 9.86 24.85
C ALA B 171 3.65 8.74 23.83
#